data_6C1B
#
_entry.id   6C1B
#
_cell.length_a   213.514
_cell.length_b   52.193
_cell.length_c   65.795
_cell.angle_alpha   90.00
_cell.angle_beta   107.03
_cell.angle_gamma   90.00
#
_symmetry.space_group_name_H-M   'C 1 2 1'
#
loop_
_entity.id
_entity.type
_entity.pdbx_description
1 polymer 'Fibroblast growth factor receptor 1'
2 non-polymer 3-(2,6-dichloro-3,5-dimethoxyphenyl)-1-{(3S)-1-[(2E)-4-(dimethylamino)but-2-enoyl]pyrrolidin-3-yl}-7-(phenylamino)-3,4-dihydropyrimido[4,5-d]pyrimidin-2(1H)-one
3 water water
#
_entity_poly.entity_id   1
_entity_poly.type   'polypeptide(L)'
_entity_poly.pdbx_seq_one_letter_code
;GAMSGVSEYELPEDPRWELPRDRLVLGKPLGEGAFGQVVLAEAIGLDKDKPNRVTKVAVKMLKSDATEKDLSDLISEMEM
MKMIGKHKNIINLLGACTQDGPLYVIVEYASKGNLREYLQARRPPGLEYSYNPSHNPEEQLSSKDLVSCAYQVARGMEYL
ASKKCIHRDLAARNVLVTEDNVMKIADFGLARDIHHIDYYKKTTNGRLPVKWMAPEALFDRIYTHQSDVWSFGVLLWEIF
TLGGSPYPGVPVEELFKLLKEGHRMDKPSNCTNELYMMMRDCWHAVPSQRPTFKQLVEDLDRIVALTSNQE
;
_entity_poly.pdbx_strand_id   A,B
#
loop_
_chem_comp.id
_chem_comp.type
_chem_comp.name
_chem_comp.formula
YY4 non-polymer 3-(2,6-dichloro-3,5-dimethoxyphenyl)-1-{(3S)-1-[(2E)-4-(dimethylamino)but-2-enoyl]pyrrolidin-3-yl}-7-(phenylamino)-3,4-dihydropyrimido[4,5-d]pyrimidin-2(1H)-one 'C30 H33 Cl2 N7 O4'
#
# COMPACT_ATOMS: atom_id res chain seq x y z
N LEU A 11 40.46 18.20 13.32
CA LEU A 11 39.31 17.39 13.81
C LEU A 11 39.78 16.11 14.49
N PRO A 12 39.42 15.91 15.77
CA PRO A 12 39.94 14.77 16.51
C PRO A 12 39.16 13.53 16.14
N GLU A 13 39.80 12.36 16.23
CA GLU A 13 39.17 11.11 15.82
C GLU A 13 38.34 10.51 16.92
N ASP A 14 37.30 9.78 16.52
CA ASP A 14 36.43 9.13 17.45
C ASP A 14 36.23 7.70 16.95
N PRO A 15 36.96 6.74 17.54
CA PRO A 15 36.97 5.39 16.95
C PRO A 15 35.70 4.62 17.13
N ARG A 16 34.75 5.15 17.89
CA ARG A 16 33.47 4.47 18.03
C ARG A 16 32.67 4.63 16.73
N TRP A 17 32.98 5.66 15.95
CA TRP A 17 32.22 5.96 14.72
C TRP A 17 33.05 6.01 13.44
N GLU A 18 34.37 6.09 13.54
CA GLU A 18 35.23 6.26 12.38
C GLU A 18 35.06 5.10 11.40
N LEU A 19 34.97 5.42 10.13
CA LEU A 19 35.06 4.42 9.07
C LEU A 19 36.15 4.89 8.16
N PRO A 20 37.09 4.01 7.75
CA PRO A 20 38.09 4.42 6.79
C PRO A 20 37.46 4.91 5.46
N ARG A 21 38.04 5.98 4.93
CA ARG A 21 37.47 6.72 3.82
C ARG A 21 37.37 5.85 2.52
N ASP A 22 38.30 4.94 2.37
CA ASP A 22 38.26 4.02 1.22
C ASP A 22 37.16 2.93 1.32
N ARG A 23 36.38 2.91 2.41
CA ARG A 23 35.31 1.94 2.58
C ARG A 23 33.98 2.51 2.12
N LEU A 24 34.00 3.72 1.58
CA LEU A 24 32.80 4.41 1.22
C LEU A 24 32.88 4.68 -0.26
N VAL A 25 31.97 4.08 -1.03
CA VAL A 25 31.90 4.34 -2.48
C VAL A 25 30.81 5.38 -2.70
N LEU A 26 31.18 6.58 -3.15
CA LEU A 26 30.26 7.69 -3.28
C LEU A 26 29.42 7.57 -4.55
N GLY A 27 28.12 7.74 -4.43
CA GLY A 27 27.21 7.63 -5.57
C GLY A 27 26.51 8.95 -5.85
N LYS A 28 25.22 8.87 -6.17
CA LYS A 28 24.52 10.03 -6.71
C LYS A 28 24.12 11.05 -5.64
N PRO A 29 24.05 12.32 -6.02
CA PRO A 29 23.43 13.31 -5.16
C PRO A 29 22.00 12.92 -4.77
N LEU A 30 21.66 13.16 -3.50
CA LEU A 30 20.27 13.03 -3.02
C LEU A 30 19.57 14.37 -2.81
N GLY A 31 20.33 15.46 -2.70
CA GLY A 31 19.76 16.82 -2.57
C GLY A 31 20.49 17.75 -1.61
N GLN A 37 25.47 19.13 1.60
CA GLN A 37 24.86 18.26 0.58
C GLN A 37 24.92 16.76 0.93
N VAL A 38 23.98 15.99 0.37
CA VAL A 38 23.77 14.61 0.77
C VAL A 38 23.91 13.74 -0.46
N VAL A 39 24.75 12.72 -0.38
CA VAL A 39 24.82 11.74 -1.47
C VAL A 39 24.49 10.34 -1.01
N LEU A 40 24.07 9.53 -1.97
CA LEU A 40 23.87 8.11 -1.75
C LEU A 40 25.26 7.51 -1.80
N ALA A 41 25.52 6.49 -0.99
CA ALA A 41 26.83 5.82 -1.07
C ALA A 41 26.70 4.39 -0.61
N GLU A 42 27.74 3.62 -0.90
CA GLU A 42 27.83 2.25 -0.44
C GLU A 42 28.96 2.14 0.57
N ALA A 43 28.68 1.58 1.74
CA ALA A 43 29.67 1.36 2.77
C ALA A 43 30.06 -0.12 2.79
N ILE A 44 31.35 -0.39 2.62
CA ILE A 44 31.86 -1.76 2.63
C ILE A 44 32.25 -2.07 4.09
N GLY A 45 31.71 -3.15 4.64
CA GLY A 45 32.15 -3.61 5.95
C GLY A 45 31.84 -2.62 7.04
N LEU A 46 30.70 -1.96 6.95
CA LEU A 46 30.24 -1.10 8.03
C LEU A 46 30.08 -1.94 9.30
N ASP A 47 29.44 -3.09 9.19
CA ASP A 47 29.34 -4.05 10.28
C ASP A 47 30.66 -4.87 10.24
N LYS A 48 31.55 -4.60 11.21
CA LYS A 48 32.86 -5.29 11.37
C LYS A 48 32.66 -6.81 11.51
N ASP A 49 31.47 -7.22 11.93
CA ASP A 49 31.06 -8.64 11.87
C ASP A 49 30.99 -9.20 10.43
N LYS A 50 30.28 -8.51 9.53
CA LYS A 50 30.05 -8.95 8.15
C LYS A 50 30.85 -8.11 7.11
N PRO A 51 32.18 -8.34 7.02
CA PRO A 51 33.13 -7.38 6.41
C PRO A 51 33.16 -7.29 4.86
N ASN A 52 32.60 -8.28 4.15
CA ASN A 52 32.41 -8.22 2.69
C ASN A 52 31.01 -7.75 2.23
N ARG A 53 30.22 -7.22 3.16
CA ARG A 53 28.88 -6.71 2.89
C ARG A 53 28.95 -5.20 2.58
N VAL A 54 28.09 -4.79 1.65
CA VAL A 54 27.98 -3.42 1.20
C VAL A 54 26.63 -3.05 1.73
N THR A 55 26.52 -1.84 2.30
CA THR A 55 25.26 -1.29 2.77
C THR A 55 25.13 0.11 2.16
N LYS A 56 23.93 0.39 1.63
CA LYS A 56 23.58 1.69 1.11
C LYS A 56 23.37 2.64 2.29
N VAL A 57 23.99 3.81 2.22
CA VAL A 57 23.97 4.77 3.28
C VAL A 57 23.84 6.14 2.66
N ALA A 58 23.46 7.12 3.48
CA ALA A 58 23.44 8.52 3.03
C ALA A 58 24.58 9.20 3.69
N VAL A 59 25.26 10.07 2.97
CA VAL A 59 26.43 10.73 3.45
C VAL A 59 26.27 12.23 3.31
N LYS A 60 26.45 12.97 4.41
CA LYS A 60 26.44 14.42 4.36
C LYS A 60 27.84 14.97 4.44
N MET A 61 28.11 16.00 3.63
CA MET A 61 29.39 16.66 3.55
C MET A 61 29.16 18.14 3.18
N LEU A 62 30.19 18.98 3.30
CA LEU A 62 30.03 20.43 3.05
C LEU A 62 29.94 20.80 1.58
N LYS A 63 29.21 21.88 1.28
CA LYS A 63 29.10 22.41 -0.08
C LYS A 63 30.45 23.06 -0.49
N SER A 64 30.60 23.39 -1.79
CA SER A 64 31.90 23.82 -2.34
C SER A 64 32.33 25.19 -1.82
N ASP A 65 31.38 26.12 -1.75
CA ASP A 65 31.59 27.45 -1.16
C ASP A 65 30.94 27.50 0.22
N ALA A 66 31.60 26.88 1.20
CA ALA A 66 31.03 26.69 2.53
C ALA A 66 31.88 27.33 3.61
N THR A 67 31.20 27.94 4.59
CA THR A 67 31.82 28.72 5.65
C THR A 67 32.17 27.92 6.92
N GLU A 68 33.05 28.49 7.74
CA GLU A 68 33.39 27.95 9.06
C GLU A 68 32.13 27.62 9.87
N LYS A 69 31.11 28.45 9.73
CA LYS A 69 29.86 28.23 10.43
C LYS A 69 29.26 26.93 9.94
N ASP A 70 29.15 26.80 8.63
CA ASP A 70 28.67 25.55 8.03
C ASP A 70 29.46 24.35 8.61
N LEU A 71 30.79 24.39 8.55
CA LEU A 71 31.59 23.31 9.18
C LEU A 71 31.20 23.00 10.63
N SER A 72 31.26 24.00 11.53
CA SER A 72 30.93 23.76 12.95
C SER A 72 29.49 23.26 13.20
N ASP A 73 28.52 23.70 12.39
CA ASP A 73 27.14 23.12 12.46
C ASP A 73 27.06 21.64 12.05
N LEU A 74 27.85 21.26 11.05
CA LEU A 74 27.89 19.86 10.60
C LEU A 74 28.41 18.98 11.74
N ILE A 75 29.47 19.45 12.39
CA ILE A 75 30.07 18.74 13.51
C ILE A 75 29.09 18.68 14.67
N SER A 76 28.44 19.81 14.98
CA SER A 76 27.47 19.81 16.09
C SER A 76 26.36 18.85 15.85
N GLU A 77 25.79 18.88 14.63
CA GLU A 77 24.77 17.90 14.26
C GLU A 77 25.23 16.45 14.49
N MET A 78 26.45 16.17 14.07
CA MET A 78 27.03 14.82 14.25
C MET A 78 27.15 14.48 15.74
N GLU A 79 27.78 15.40 16.48
CA GLU A 79 27.99 15.17 17.92
C GLU A 79 26.69 14.93 18.66
N MET A 80 25.65 15.71 18.30
CA MET A 80 24.34 15.54 18.90
C MET A 80 23.72 14.18 18.51
N MET A 81 23.81 13.82 17.23
CA MET A 81 23.42 12.46 16.81
C MET A 81 24.10 11.33 17.57
N LYS A 82 25.40 11.45 17.81
CA LYS A 82 26.07 10.45 18.69
C LYS A 82 25.37 10.29 20.05
N MET A 83 24.93 11.40 20.66
CA MET A 83 24.39 11.36 22.02
C MET A 83 22.95 10.85 22.06
N ILE A 84 22.19 11.06 20.98
CA ILE A 84 20.74 10.81 21.04
C ILE A 84 20.41 9.33 21.10
N GLY A 85 21.30 8.49 20.58
CA GLY A 85 21.08 7.05 20.60
C GLY A 85 20.14 6.65 19.50
N LYS A 86 19.94 5.35 19.39
CA LYS A 86 19.29 4.74 18.24
C LYS A 86 17.79 4.59 18.47
N HIS A 87 17.01 4.80 17.42
CA HIS A 87 15.59 4.39 17.43
C HIS A 87 15.18 4.04 16.03
N LYS A 88 14.36 3.04 15.86
CA LYS A 88 13.99 2.66 14.53
C LYS A 88 13.20 3.72 13.77
N ASN A 89 12.61 4.74 14.43
CA ASN A 89 11.80 5.73 13.72
C ASN A 89 12.45 7.08 13.64
N ILE A 90 13.76 7.12 13.75
CA ILE A 90 14.55 8.33 13.42
C ILE A 90 15.69 7.94 12.46
N ILE A 91 16.25 8.91 11.75
CA ILE A 91 17.41 8.71 10.93
C ILE A 91 18.64 8.58 11.85
N ASN A 92 19.23 7.40 11.88
CA ASN A 92 20.33 7.13 12.81
C ASN A 92 21.69 7.36 12.21
N LEU A 93 22.61 7.79 13.06
CA LEU A 93 24.03 7.91 12.72
C LEU A 93 24.64 6.53 12.57
N LEU A 94 25.47 6.34 11.54
CA LEU A 94 26.12 5.06 11.35
C LEU A 94 27.64 5.10 11.40
N GLY A 95 28.25 6.25 11.09
CA GLY A 95 29.70 6.36 11.13
C GLY A 95 30.11 7.72 10.61
N ALA A 96 31.40 7.93 10.40
CA ALA A 96 31.91 9.19 9.88
C ALA A 96 33.33 8.97 9.38
N CYS A 97 33.75 9.76 8.40
CA CYS A 97 35.13 9.82 7.97
C CYS A 97 35.56 11.25 8.28
N THR A 98 36.51 11.40 9.18
CA THR A 98 36.87 12.72 9.74
C THR A 98 38.32 13.07 9.50
N GLN A 99 39.10 12.10 9.01
CA GLN A 99 40.54 12.19 8.92
C GLN A 99 41.04 12.50 7.51
N ASP A 100 41.06 11.55 6.60
CA ASP A 100 42.00 11.67 5.44
C ASP A 100 41.58 12.74 4.40
N GLY A 101 40.95 13.82 4.86
CA GLY A 101 40.21 14.78 3.99
C GLY A 101 38.86 15.24 4.54
N PRO A 102 37.93 15.67 3.65
CA PRO A 102 36.67 16.33 4.04
C PRO A 102 35.80 15.50 4.97
N LEU A 103 35.14 16.16 5.92
CA LEU A 103 34.27 15.48 6.87
C LEU A 103 33.05 14.87 6.16
N TYR A 104 32.81 13.58 6.37
CA TYR A 104 31.67 12.88 5.82
C TYR A 104 30.91 12.34 7.00
N VAL A 105 29.62 12.61 7.07
CA VAL A 105 28.82 12.07 8.15
C VAL A 105 27.87 11.06 7.57
N ILE A 106 27.84 9.84 8.13
CA ILE A 106 27.18 8.71 7.52
C ILE A 106 25.94 8.27 8.28
N VAL A 107 24.82 8.26 7.58
CA VAL A 107 23.55 7.96 8.22
C VAL A 107 22.75 7.00 7.45
N GLU A 108 21.66 6.54 8.06
CA GLU A 108 20.78 5.61 7.40
C GLU A 108 20.19 6.21 6.12
N TYR A 109 19.99 5.35 5.11
CA TYR A 109 19.43 5.75 3.81
C TYR A 109 17.95 5.44 3.76
N ALA A 110 17.15 6.39 3.30
CA ALA A 110 15.71 6.13 3.17
C ALA A 110 15.37 6.23 1.68
N SER A 111 15.26 5.07 1.03
CA SER A 111 15.14 4.98 -0.45
C SER A 111 13.89 5.64 -1.06
N LYS A 112 12.82 5.79 -0.30
CA LYS A 112 11.59 6.31 -0.89
C LYS A 112 11.43 7.81 -0.65
N GLY A 113 12.45 8.44 -0.10
CA GLY A 113 12.47 9.91 -0.02
C GLY A 113 11.61 10.41 1.11
N ASN A 114 11.20 11.68 1.06
CA ASN A 114 10.46 12.26 2.17
C ASN A 114 8.97 11.96 2.13
N LEU A 115 8.32 12.02 3.27
CA LEU A 115 6.92 11.63 3.37
C LEU A 115 6.00 12.55 2.56
N ARG A 116 6.32 13.84 2.46
CA ARG A 116 5.44 14.77 1.80
CA ARG A 116 5.46 14.79 1.81
C ARG A 116 5.31 14.38 0.32
N GLU A 117 6.44 14.11 -0.31
CA GLU A 117 6.50 13.68 -1.71
C GLU A 117 6.01 12.25 -1.90
N TYR A 118 6.33 11.40 -0.95
CA TYR A 118 5.78 10.06 -0.90
C TYR A 118 4.25 10.05 -0.95
N LEU A 119 3.64 10.89 -0.12
CA LEU A 119 2.18 11.00 -0.08
C LEU A 119 1.63 11.55 -1.37
N GLN A 120 2.21 12.65 -1.85
CA GLN A 120 1.72 13.30 -3.04
C GLN A 120 1.72 12.36 -4.24
N ALA A 121 2.75 11.54 -4.34
CA ALA A 121 2.87 10.61 -5.47
C ALA A 121 1.84 9.49 -5.43
N ARG A 122 1.18 9.31 -4.28
CA ARG A 122 0.21 8.25 -4.10
C ARG A 122 -1.21 8.78 -4.13
N ARG A 123 -1.38 10.00 -4.61
CA ARG A 123 -2.73 10.54 -4.84
C ARG A 123 -3.39 9.84 -5.98
N PRO A 124 -4.70 9.59 -5.88
CA PRO A 124 -5.39 9.00 -7.02
C PRO A 124 -5.36 9.88 -8.28
N GLU A 138 1.98 5.62 -9.00
CA GLU A 138 2.33 5.00 -7.71
C GLU A 138 1.11 4.63 -6.84
N GLU A 139 1.23 3.54 -6.07
CA GLU A 139 0.04 2.85 -5.55
C GLU A 139 -0.65 3.44 -4.30
N GLN A 140 -1.98 3.41 -4.36
CA GLN A 140 -2.90 3.82 -3.30
C GLN A 140 -2.46 3.34 -1.92
N LEU A 141 -2.46 4.24 -0.93
CA LEU A 141 -2.28 3.83 0.46
C LEU A 141 -3.64 3.64 1.11
N SER A 142 -3.81 2.57 1.86
CA SER A 142 -5.05 2.27 2.58
C SER A 142 -5.17 3.19 3.77
N SER A 143 -6.35 3.23 4.39
CA SER A 143 -6.55 4.04 5.60
C SER A 143 -5.60 3.60 6.69
N LYS A 144 -5.54 2.29 6.90
CA LYS A 144 -4.61 1.70 7.86
C LYS A 144 -3.15 2.10 7.61
N ASP A 145 -2.69 2.07 6.35
CA ASP A 145 -1.36 2.61 6.05
C ASP A 145 -1.15 4.00 6.57
N LEU A 146 -2.19 4.83 6.47
CA LEU A 146 -2.05 6.23 6.78
C LEU A 146 -1.95 6.41 8.28
N VAL A 147 -2.78 5.70 9.02
CA VAL A 147 -2.74 5.79 10.45
C VAL A 147 -1.44 5.22 10.98
N SER A 148 -1.04 4.09 10.42
CA SER A 148 0.25 3.50 10.79
C SER A 148 1.47 4.42 10.51
N CYS A 149 1.40 5.21 9.44
N CYS A 149 1.43 5.21 9.43
CA CYS A 149 2.38 6.26 9.19
CA CYS A 149 2.43 6.26 9.25
C CYS A 149 2.42 7.32 10.30
C CYS A 149 2.43 7.17 10.47
N ALA A 150 1.27 7.71 10.79
CA ALA A 150 1.17 8.68 11.86
C ALA A 150 1.75 8.10 13.13
N TYR A 151 1.38 6.86 13.43
CA TYR A 151 1.83 6.13 14.59
C TYR A 151 3.32 6.11 14.67
N GLN A 152 3.95 5.79 13.54
CA GLN A 152 5.42 5.64 13.49
C GLN A 152 6.12 6.98 13.72
N VAL A 153 5.57 8.03 13.13
CA VAL A 153 6.16 9.34 13.28
C VAL A 153 5.99 9.70 14.76
N ALA A 154 4.87 9.33 15.35
CA ALA A 154 4.66 9.70 16.78
C ALA A 154 5.66 8.99 17.70
N ARG A 155 5.92 7.73 17.37
CA ARG A 155 6.91 6.92 18.07
C ARG A 155 8.29 7.50 17.98
N GLY A 156 8.64 7.95 16.80
CA GLY A 156 9.92 8.63 16.66
C GLY A 156 9.99 9.82 17.59
N MET A 157 8.92 10.62 17.63
CA MET A 157 8.96 11.85 18.39
C MET A 157 8.92 11.57 19.88
N GLU A 158 8.22 10.52 20.27
CA GLU A 158 8.15 10.11 21.64
C GLU A 158 9.55 9.83 22.11
N TYR A 159 10.30 9.10 21.29
CA TYR A 159 11.71 8.84 21.59
C TYR A 159 12.52 10.11 21.69
N LEU A 160 12.50 10.94 20.67
CA LEU A 160 13.25 12.19 20.72
C LEU A 160 12.92 13.01 21.97
N ALA A 161 11.61 13.13 22.27
CA ALA A 161 11.17 13.86 23.46
C ALA A 161 11.70 13.23 24.74
N SER A 162 11.69 11.89 24.83
CA SER A 162 12.20 11.22 26.02
C SER A 162 13.71 11.51 26.23
N LYS A 163 14.45 11.81 25.14
CA LYS A 163 15.88 12.23 25.23
C LYS A 163 16.03 13.72 25.31
N LYS A 164 14.94 14.42 25.62
CA LYS A 164 14.89 15.87 25.81
C LYS A 164 15.29 16.66 24.56
N CYS A 165 15.08 16.06 23.40
CA CYS A 165 15.30 16.70 22.10
C CYS A 165 14.00 17.39 21.62
N ILE A 166 14.14 18.66 21.27
CA ILE A 166 13.06 19.46 20.74
C ILE A 166 13.37 19.65 19.26
N HIS A 167 12.49 19.17 18.39
CA HIS A 167 12.74 19.19 16.94
C HIS A 167 12.72 20.61 16.36
N ARG A 168 11.60 21.34 16.54
CA ARG A 168 11.43 22.71 16.03
C ARG A 168 10.94 22.86 14.59
N ASP A 169 11.02 21.82 13.79
CA ASP A 169 10.53 21.91 12.44
C ASP A 169 9.98 20.58 11.99
N LEU A 170 9.16 19.95 12.83
CA LEU A 170 8.52 18.73 12.44
C LEU A 170 7.44 18.98 11.40
N ALA A 171 7.46 18.18 10.33
CA ALA A 171 6.64 18.36 9.15
C ALA A 171 6.84 17.11 8.26
N ALA A 172 5.89 16.78 7.36
CA ALA A 172 6.07 15.60 6.52
C ALA A 172 7.34 15.65 5.69
N ARG A 173 7.77 16.84 5.28
CA ARG A 173 9.06 17.01 4.58
C ARG A 173 10.27 16.49 5.40
N ASN A 174 10.18 16.54 6.74
CA ASN A 174 11.21 16.06 7.65
C ASN A 174 10.90 14.70 8.28
N VAL A 175 10.15 13.90 7.53
CA VAL A 175 10.08 12.48 7.76
C VAL A 175 10.52 11.78 6.45
N LEU A 176 11.31 10.71 6.58
CA LEU A 176 11.86 9.98 5.42
C LEU A 176 11.34 8.58 5.50
N VAL A 177 11.23 7.94 4.35
CA VAL A 177 10.55 6.68 4.22
C VAL A 177 11.58 5.67 3.64
N THR A 178 11.76 4.57 4.34
CA THR A 178 12.68 3.53 3.86
C THR A 178 12.05 2.62 2.79
N GLU A 179 12.92 1.77 2.23
CA GLU A 179 12.54 0.73 1.28
C GLU A 179 11.41 -0.13 1.85
N ASP A 180 11.42 -0.36 3.16
CA ASP A 180 10.35 -1.13 3.80
C ASP A 180 9.25 -0.25 4.40
N ASN A 181 9.16 1.00 3.97
CA ASN A 181 8.11 1.93 4.43
C ASN A 181 8.14 2.19 5.93
N VAL A 182 9.34 2.20 6.51
CA VAL A 182 9.50 2.57 7.88
C VAL A 182 9.68 4.06 7.85
N MET A 183 8.97 4.74 8.74
CA MET A 183 9.06 6.20 8.78
C MET A 183 10.17 6.62 9.72
N LYS A 184 10.94 7.63 9.35
CA LYS A 184 12.03 8.05 10.19
C LYS A 184 12.11 9.55 10.26
N ILE A 185 12.14 10.10 11.47
CA ILE A 185 12.27 11.52 11.60
C ILE A 185 13.61 11.99 11.15
N ALA A 186 13.61 13.06 10.38
CA ALA A 186 14.77 13.72 9.85
C ALA A 186 15.04 15.09 10.48
N ASP A 187 16.32 15.47 10.46
CA ASP A 187 16.81 16.82 10.74
C ASP A 187 16.40 17.28 12.11
N PHE A 188 16.46 16.33 13.02
CA PHE A 188 16.16 16.54 14.42
C PHE A 188 17.30 17.09 15.26
N GLY A 189 18.47 17.32 14.68
CA GLY A 189 19.61 17.80 15.47
C GLY A 189 20.08 19.20 15.10
N LEU A 190 19.19 19.98 14.51
CA LEU A 190 19.52 21.31 13.99
C LEU A 190 19.18 22.38 15.01
N PRO A 209 6.87 27.19 6.43
CA PRO A 209 7.53 26.66 7.68
C PRO A 209 6.89 27.31 8.93
N VAL A 210 6.71 28.63 8.87
CA VAL A 210 5.79 29.29 9.82
C VAL A 210 4.49 28.50 9.96
N LYS A 211 4.08 27.78 8.92
CA LYS A 211 2.78 27.14 8.89
C LYS A 211 2.73 25.88 9.71
N TRP A 212 3.87 25.43 10.21
CA TRP A 212 3.94 24.28 11.13
C TRP A 212 4.26 24.72 12.57
N MET A 213 4.43 26.02 12.79
CA MET A 213 4.88 26.52 14.11
C MET A 213 3.71 26.82 15.05
N ALA A 214 3.77 26.26 16.24
CA ALA A 214 2.81 26.67 17.28
C ALA A 214 2.84 28.18 17.46
N PRO A 215 1.69 28.76 17.83
CA PRO A 215 1.61 30.19 17.98
C PRO A 215 2.67 30.75 18.90
N GLU A 216 2.93 30.07 20.01
CA GLU A 216 3.93 30.55 20.96
C GLU A 216 5.38 30.46 20.39
N ALA A 217 5.60 29.53 19.45
CA ALA A 217 6.88 29.52 18.71
C ALA A 217 6.83 30.65 17.71
N LEU A 218 5.69 30.79 17.05
CA LEU A 218 5.53 31.83 16.03
C LEU A 218 5.76 33.26 16.52
N PHE A 219 5.24 33.59 17.70
CA PHE A 219 5.31 34.98 18.20
C PHE A 219 6.51 35.21 19.10
N ASP A 220 6.76 34.29 20.01
CA ASP A 220 7.74 34.51 21.04
C ASP A 220 9.04 33.64 20.89
N ARG A 221 9.19 32.96 19.76
CA ARG A 221 10.28 31.95 19.56
C ARG A 221 10.51 31.02 20.79
N ILE A 222 9.42 30.62 21.46
CA ILE A 222 9.46 29.65 22.55
C ILE A 222 9.12 28.28 21.97
N TYR A 223 10.13 27.41 21.89
CA TYR A 223 9.97 26.06 21.36
C TYR A 223 10.05 25.06 22.49
N THR A 224 9.17 24.09 22.50
CA THR A 224 9.06 23.14 23.58
C THR A 224 8.62 21.82 22.97
N HIS A 225 8.57 20.79 23.80
CA HIS A 225 7.93 19.56 23.39
C HIS A 225 6.50 19.85 22.93
N GLN A 226 5.82 20.75 23.63
CA GLN A 226 4.44 21.07 23.29
C GLN A 226 4.28 21.72 21.95
N SER A 227 5.21 22.56 21.52
CA SER A 227 5.10 23.14 20.17
C SER A 227 5.34 22.09 19.10
N ASP A 228 6.16 21.07 19.40
CA ASP A 228 6.40 19.99 18.47
C ASP A 228 5.10 19.19 18.31
N VAL A 229 4.32 19.09 19.37
CA VAL A 229 3.03 18.40 19.27
C VAL A 229 2.13 19.18 18.33
N TRP A 230 2.16 20.50 18.43
CA TRP A 230 1.37 21.32 17.53
C TRP A 230 1.79 20.98 16.11
N SER A 231 3.10 20.91 15.89
CA SER A 231 3.60 20.67 14.55
C SER A 231 3.12 19.29 14.05
N PHE A 232 3.04 18.33 14.97
CA PHE A 232 2.60 16.98 14.62
C PHE A 232 1.14 16.96 14.16
N GLY A 233 0.32 17.80 14.76
CA GLY A 233 -1.06 17.97 14.30
C GLY A 233 -1.14 18.45 12.86
N VAL A 234 -0.28 19.40 12.52
CA VAL A 234 -0.18 19.84 11.14
C VAL A 234 0.25 18.65 10.25
N LEU A 235 1.21 17.88 10.74
CA LEU A 235 1.72 16.74 10.02
C LEU A 235 0.66 15.71 9.82
N LEU A 236 -0.15 15.48 10.86
CA LEU A 236 -1.32 14.61 10.70
C LEU A 236 -2.21 15.12 9.59
N TRP A 237 -2.39 16.43 9.54
CA TRP A 237 -3.25 16.98 8.52
C TRP A 237 -2.62 16.72 7.13
N GLU A 238 -1.31 16.84 7.05
CA GLU A 238 -0.61 16.53 5.79
C GLU A 238 -0.84 15.07 5.38
N ILE A 239 -0.77 14.15 6.33
CA ILE A 239 -1.02 12.78 6.01
C ILE A 239 -2.38 12.60 5.38
N PHE A 240 -3.42 13.13 6.01
CA PHE A 240 -4.77 12.77 5.58
C PHE A 240 -5.27 13.63 4.43
N THR A 241 -4.47 14.60 3.99
CA THR A 241 -4.66 15.25 2.69
C THR A 241 -3.71 14.71 1.62
N LEU A 242 -3.00 13.63 1.92
CA LEU A 242 -1.97 13.11 1.01
C LEU A 242 -0.98 14.18 0.57
N GLY A 243 -0.42 14.88 1.54
CA GLY A 243 0.56 15.90 1.22
C GLY A 243 0.04 17.26 0.86
N GLY A 244 -1.10 17.63 1.43
CA GLY A 244 -1.73 18.91 1.09
C GLY A 244 -0.95 20.09 1.67
N SER A 245 -1.16 21.24 1.07
CA SER A 245 -0.52 22.45 1.52
C SER A 245 -1.35 23.08 2.69
N PRO A 246 -0.75 23.24 3.87
CA PRO A 246 -1.56 23.76 4.99
C PRO A 246 -2.01 25.22 4.85
N TYR A 247 -3.19 25.52 5.35
CA TYR A 247 -3.76 26.87 5.26
C TYR A 247 -3.61 27.43 3.87
N PRO A 248 -4.16 26.71 2.89
CA PRO A 248 -4.06 27.18 1.51
C PRO A 248 -4.68 28.57 1.33
N GLY A 249 -3.98 29.43 0.59
CA GLY A 249 -4.32 30.83 0.35
C GLY A 249 -4.19 31.84 1.49
N VAL A 250 -3.84 31.37 2.68
CA VAL A 250 -3.72 32.26 3.79
C VAL A 250 -2.33 32.88 3.75
N PRO A 251 -2.25 34.23 3.60
CA PRO A 251 -0.94 34.87 3.55
C PRO A 251 -0.23 34.68 4.88
N VAL A 252 1.08 34.46 4.82
CA VAL A 252 1.82 34.17 6.03
C VAL A 252 1.65 35.26 7.09
N GLU A 253 1.78 36.52 6.70
CA GLU A 253 1.67 37.61 7.67
C GLU A 253 0.32 37.66 8.42
N GLU A 254 -0.74 37.07 7.86
CA GLU A 254 -2.07 37.08 8.51
C GLU A 254 -2.22 35.99 9.56
N LEU A 255 -1.40 34.94 9.44
CA LEU A 255 -1.68 33.66 10.06
C LEU A 255 -1.68 33.68 11.59
N PHE A 256 -0.68 34.31 12.22
CA PHE A 256 -0.63 34.34 13.69
C PHE A 256 -1.89 35.05 14.24
N LYS A 257 -2.27 36.13 13.59
CA LYS A 257 -3.51 36.84 13.94
C LYS A 257 -4.68 35.87 13.84
N LEU A 258 -4.76 35.17 12.71
CA LEU A 258 -5.84 34.22 12.48
C LEU A 258 -5.84 33.13 13.50
N LEU A 259 -4.66 32.69 13.85
CA LEU A 259 -4.51 31.63 14.81
C LEU A 259 -4.91 32.12 16.21
N LYS A 260 -4.41 33.30 16.60
CA LYS A 260 -4.69 33.85 17.96
C LYS A 260 -6.18 33.96 18.10
N GLU A 261 -6.80 34.33 16.98
CA GLU A 261 -8.26 34.38 16.85
C GLU A 261 -8.99 33.06 16.92
N GLY A 262 -8.28 31.93 16.96
CA GLY A 262 -8.91 30.61 16.99
C GLY A 262 -9.17 29.94 15.64
N HIS A 263 -8.70 30.53 14.55
CA HIS A 263 -8.73 29.86 13.24
C HIS A 263 -7.97 28.51 13.29
N ARG A 264 -8.61 27.43 12.84
CA ARG A 264 -7.97 26.13 12.67
C ARG A 264 -8.32 25.52 11.31
N MET A 265 -7.44 24.68 10.77
CA MET A 265 -7.73 24.04 9.50
C MET A 265 -9.01 23.19 9.65
N ASP A 266 -9.83 23.16 8.59
CA ASP A 266 -10.94 22.23 8.48
C ASP A 266 -10.47 20.81 8.38
N LYS A 267 -11.42 19.91 8.59
CA LYS A 267 -11.18 18.52 8.52
C LYS A 267 -10.92 18.14 7.08
N PRO A 268 -9.85 17.37 6.84
CA PRO A 268 -9.67 16.85 5.51
C PRO A 268 -10.89 16.04 5.08
N SER A 269 -11.20 16.09 3.80
CA SER A 269 -12.34 15.41 3.25
C SER A 269 -12.46 13.93 3.66
N ASN A 270 -11.36 13.20 3.67
CA ASN A 270 -11.39 11.78 3.99
C ASN A 270 -10.55 11.56 5.20
N CYS A 271 -11.14 11.91 6.33
CA CYS A 271 -10.49 11.75 7.61
C CYS A 271 -11.62 11.51 8.59
N THR A 272 -11.43 10.60 9.55
CA THR A 272 -12.44 10.32 10.53
C THR A 272 -12.54 11.51 11.47
N ASN A 273 -13.70 11.61 12.12
CA ASN A 273 -13.88 12.60 13.17
C ASN A 273 -12.85 12.41 14.27
N GLU A 274 -12.61 11.16 14.64
CA GLU A 274 -11.63 10.82 15.66
C GLU A 274 -10.23 11.39 15.41
N LEU A 275 -9.70 11.19 14.20
CA LEU A 275 -8.37 11.73 13.89
C LEU A 275 -8.34 13.24 13.75
N TYR A 276 -9.48 13.85 13.37
CA TYR A 276 -9.57 15.31 13.31
C TYR A 276 -9.55 15.88 14.70
N MET A 277 -10.20 15.22 15.65
CA MET A 277 -10.19 15.69 17.05
C MET A 277 -8.76 15.61 17.56
N MET A 278 -8.03 14.58 17.16
CA MET A 278 -6.60 14.50 17.55
C MET A 278 -5.82 15.70 17.02
N MET A 279 -5.93 15.98 15.74
CA MET A 279 -5.36 17.20 15.19
C MET A 279 -5.74 18.43 16.03
N ARG A 280 -7.04 18.57 16.30
CA ARG A 280 -7.52 19.76 17.01
C ARG A 280 -6.93 19.86 18.38
N ASP A 281 -6.83 18.71 19.08
CA ASP A 281 -6.18 18.64 20.39
C ASP A 281 -4.70 19.06 20.37
N CYS A 282 -3.95 18.59 19.38
CA CYS A 282 -2.58 19.01 19.16
C CYS A 282 -2.49 20.52 18.95
N TRP A 283 -3.58 21.12 18.47
CA TRP A 283 -3.63 22.56 18.25
C TRP A 283 -4.39 23.37 19.34
N HIS A 284 -4.53 22.80 20.55
CA HIS A 284 -4.98 23.54 21.73
CA HIS A 284 -4.99 23.54 21.69
C HIS A 284 -4.15 24.81 21.85
N ALA A 285 -4.80 25.93 22.04
CA ALA A 285 -4.12 27.22 22.19
C ALA A 285 -3.20 27.19 23.40
N VAL A 286 -3.61 26.47 24.43
CA VAL A 286 -2.85 26.37 25.64
C VAL A 286 -1.87 25.20 25.57
N PRO A 287 -0.58 25.51 25.56
CA PRO A 287 0.36 24.40 25.33
C PRO A 287 0.24 23.26 26.30
N SER A 288 -0.06 23.56 27.56
CA SER A 288 -0.17 22.55 28.60
C SER A 288 -1.31 21.55 28.32
N GLN A 289 -2.27 21.95 27.47
CA GLN A 289 -3.49 21.19 27.30
C GLN A 289 -3.47 20.25 26.11
N ARG A 290 -2.41 20.35 25.32
CA ARG A 290 -2.13 19.44 24.22
C ARG A 290 -1.75 18.04 24.76
N PRO A 291 -2.05 16.99 23.98
CA PRO A 291 -1.58 15.69 24.42
C PRO A 291 -0.03 15.61 24.31
N THR A 292 0.58 14.74 25.08
CA THR A 292 2.00 14.39 24.88
C THR A 292 2.14 13.40 23.72
N PHE A 293 3.38 13.22 23.25
CA PHE A 293 3.67 12.21 22.27
C PHE A 293 3.41 10.85 22.87
N LYS A 294 3.72 10.69 24.16
CA LYS A 294 3.42 9.45 24.83
C LYS A 294 1.96 9.10 24.61
N GLN A 295 1.06 10.08 24.85
CA GLN A 295 -0.36 9.84 24.78
C GLN A 295 -0.80 9.62 23.33
N LEU A 296 -0.24 10.38 22.41
CA LEU A 296 -0.54 10.22 21.00
C LEU A 296 -0.13 8.82 20.50
N VAL A 297 0.99 8.32 20.96
CA VAL A 297 1.42 6.98 20.58
C VAL A 297 0.39 5.96 21.02
N GLU A 298 -0.06 6.06 22.27
CA GLU A 298 -1.07 5.11 22.78
C GLU A 298 -2.40 5.23 21.98
N ASP A 299 -2.83 6.44 21.70
CA ASP A 299 -4.11 6.65 21.02
C ASP A 299 -4.04 6.12 19.60
N LEU A 300 -2.94 6.42 18.92
CA LEU A 300 -2.75 6.00 17.54
C LEU A 300 -2.64 4.49 17.48
N ASP A 301 -1.92 3.90 18.43
CA ASP A 301 -1.82 2.45 18.49
C ASP A 301 -3.20 1.81 18.56
N ARG A 302 -4.09 2.38 19.35
CA ARG A 302 -5.44 1.82 19.45
C ARG A 302 -6.22 2.04 18.13
N ILE A 303 -6.05 3.18 17.49
CA ILE A 303 -6.77 3.47 16.25
C ILE A 303 -6.31 2.55 15.13
N VAL A 304 -5.00 2.41 14.99
CA VAL A 304 -4.40 1.44 14.05
C VAL A 304 -5.06 0.09 14.25
N ALA A 305 -5.06 -0.41 15.48
CA ALA A 305 -5.59 -1.76 15.73
C ALA A 305 -7.05 -1.92 15.35
N LEU A 306 -7.84 -0.84 15.47
CA LEU A 306 -9.26 -0.82 15.08
C LEU A 306 -9.49 -0.48 13.59
N THR A 307 -8.47 -0.04 12.88
CA THR A 307 -8.58 0.26 11.46
C THR A 307 -8.18 -0.97 10.60
N SER A 308 -9.16 -1.55 9.91
CA SER A 308 -8.94 -2.71 9.03
C SER A 308 -7.98 -2.38 7.87
N ASN A 309 -7.29 -3.42 7.39
CA ASN A 309 -6.55 -3.35 6.14
C ASN A 309 -7.46 -2.99 4.92
N GLN A 310 -8.77 -3.16 5.05
CA GLN A 310 -9.68 -3.00 3.91
C GLN A 310 -10.47 -1.67 3.74
N GLU A 311 -10.35 -0.72 4.66
CA GLU A 311 -10.91 0.63 4.44
C GLU A 311 -9.82 1.71 4.35
N TYR B 9 18.88 -10.43 -21.97
CA TYR B 9 19.81 -11.62 -22.08
C TYR B 9 19.61 -12.74 -21.07
N GLU B 10 19.40 -12.42 -19.80
CA GLU B 10 19.18 -13.44 -18.76
C GLU B 10 18.16 -12.93 -17.75
N LEU B 11 17.31 -13.81 -17.22
CA LEU B 11 16.45 -13.46 -16.09
C LEU B 11 17.09 -13.88 -14.78
N PRO B 12 16.66 -13.24 -13.64
CA PRO B 12 17.12 -13.68 -12.32
C PRO B 12 16.66 -15.10 -12.02
N GLU B 13 17.47 -15.85 -11.30
CA GLU B 13 17.11 -17.21 -10.86
C GLU B 13 16.31 -17.13 -9.59
N ASP B 14 15.43 -18.10 -9.40
CA ASP B 14 14.75 -18.29 -8.14
C ASP B 14 14.48 -19.79 -8.01
N PRO B 15 15.33 -20.49 -7.26
CA PRO B 15 15.23 -21.92 -7.30
C PRO B 15 14.11 -22.43 -6.41
N ARG B 16 13.51 -21.57 -5.61
CA ARG B 16 12.22 -21.94 -4.98
C ARG B 16 11.15 -22.40 -6.02
N TRP B 17 11.10 -21.77 -7.19
CA TRP B 17 10.02 -22.03 -8.17
C TRP B 17 10.50 -22.65 -9.50
N GLU B 18 11.82 -22.77 -9.68
CA GLU B 18 12.30 -23.19 -10.97
C GLU B 18 11.96 -24.64 -11.30
N LEU B 19 11.62 -24.90 -12.55
CA LEU B 19 11.33 -26.25 -12.97
C LEU B 19 12.14 -26.50 -14.23
N PRO B 20 12.93 -27.61 -14.27
CA PRO B 20 13.61 -27.96 -15.50
C PRO B 20 12.64 -28.10 -16.64
N ARG B 21 13.00 -27.49 -17.77
CA ARG B 21 12.21 -27.54 -18.99
C ARG B 21 11.87 -28.92 -19.44
N ASP B 22 12.77 -29.86 -19.18
CA ASP B 22 12.55 -31.26 -19.57
C ASP B 22 11.40 -31.89 -18.78
N ARG B 23 11.05 -31.36 -17.61
CA ARG B 23 9.88 -31.87 -16.88
C ARG B 23 8.53 -31.26 -17.35
N LEU B 24 8.52 -30.53 -18.47
CA LEU B 24 7.34 -29.82 -18.95
C LEU B 24 7.15 -30.02 -20.47
N VAL B 25 6.05 -30.65 -20.85
CA VAL B 25 5.67 -30.86 -22.25
C VAL B 25 4.53 -29.94 -22.63
N LEU B 26 4.79 -28.93 -23.42
CA LEU B 26 3.74 -28.01 -23.83
C LEU B 26 2.75 -28.71 -24.73
N GLY B 27 1.47 -28.33 -24.64
CA GLY B 27 0.39 -28.91 -25.44
C GLY B 27 -0.42 -27.83 -26.13
N LYS B 28 -1.75 -27.95 -26.09
CA LYS B 28 -2.64 -27.15 -26.93
C LYS B 28 -2.88 -25.74 -26.42
N PRO B 29 -3.09 -24.79 -27.36
CA PRO B 29 -3.38 -23.42 -26.93
C PRO B 29 -4.65 -23.37 -26.10
N LEU B 30 -4.75 -22.38 -25.21
CA LEU B 30 -5.94 -22.17 -24.37
C LEU B 30 -6.54 -20.76 -24.47
N GLY B 31 -5.73 -19.74 -24.68
CA GLY B 31 -6.25 -18.38 -24.75
C GLY B 31 -5.12 -17.39 -24.88
N GLU B 32 -5.48 -16.13 -25.09
CA GLU B 32 -4.55 -15.01 -25.30
C GLU B 32 -5.08 -13.81 -24.52
N GLY B 36 0.31 -12.11 -22.98
CA GLY B 36 0.83 -13.39 -23.42
C GLY B 36 -0.16 -14.41 -23.91
N GLN B 37 0.34 -15.55 -24.36
CA GLN B 37 -0.54 -16.65 -24.67
C GLN B 37 -0.50 -17.69 -23.58
N VAL B 38 -1.59 -18.43 -23.44
CA VAL B 38 -1.70 -19.46 -22.44
C VAL B 38 -1.87 -20.79 -23.13
N VAL B 39 -1.07 -21.78 -22.72
CA VAL B 39 -1.21 -23.14 -23.28
C VAL B 39 -1.40 -24.12 -22.17
N LEU B 40 -2.12 -25.19 -22.50
CA LEU B 40 -2.17 -26.37 -21.68
C LEU B 40 -0.85 -27.08 -21.82
N ALA B 41 -0.47 -27.78 -20.77
CA ALA B 41 0.82 -28.46 -20.71
C ALA B 41 0.75 -29.53 -19.65
N GLU B 42 1.73 -30.42 -19.66
CA GLU B 42 1.85 -31.48 -18.67
C GLU B 42 3.19 -31.38 -17.97
N ALA B 43 3.18 -31.63 -16.69
CA ALA B 43 4.40 -31.52 -15.88
C ALA B 43 4.55 -32.73 -15.00
N ILE B 44 5.81 -33.13 -14.79
CA ILE B 44 6.18 -34.34 -14.06
C ILE B 44 6.66 -33.93 -12.67
N ARG B 53 3.83 -38.64 -10.18
CA ARG B 53 2.60 -38.39 -10.93
C ARG B 53 2.87 -37.34 -11.98
N VAL B 54 1.91 -37.16 -12.87
CA VAL B 54 1.95 -36.14 -13.89
C VAL B 54 0.76 -35.23 -13.67
N THR B 55 0.95 -33.94 -13.91
CA THR B 55 -0.11 -32.95 -13.65
C THR B 55 -0.38 -32.13 -14.91
N LYS B 56 -1.65 -32.04 -15.28
CA LYS B 56 -2.02 -31.05 -16.27
C LYS B 56 -1.84 -29.67 -15.63
N VAL B 57 -1.32 -28.71 -16.38
CA VAL B 57 -1.17 -27.36 -15.86
C VAL B 57 -1.38 -26.38 -17.02
N ALA B 58 -1.52 -25.09 -16.69
CA ALA B 58 -1.57 -24.04 -17.73
C ALA B 58 -0.28 -23.23 -17.69
N VAL B 59 0.17 -22.79 -18.85
CA VAL B 59 1.43 -22.10 -18.94
C VAL B 59 1.24 -20.81 -19.69
N LYS B 60 1.68 -19.72 -19.08
CA LYS B 60 1.67 -18.43 -19.74
C LYS B 60 3.07 -18.10 -20.18
N MET B 61 3.18 -17.57 -21.39
CA MET B 61 4.46 -17.23 -21.98
C MET B 61 4.20 -16.11 -22.94
N LEU B 62 5.27 -15.53 -23.44
CA LEU B 62 5.12 -14.44 -24.36
C LEU B 62 4.76 -14.96 -25.73
N LYS B 63 4.04 -14.13 -26.49
CA LYS B 63 3.84 -14.33 -27.91
C LYS B 63 5.13 -13.84 -28.57
N SER B 64 5.40 -14.34 -29.78
CA SER B 64 6.60 -14.01 -30.59
C SER B 64 6.84 -12.54 -30.85
N ASP B 65 5.75 -11.76 -30.92
CA ASP B 65 5.90 -10.33 -31.21
C ASP B 65 6.02 -9.50 -29.92
N ALA B 66 6.28 -10.14 -28.79
CA ALA B 66 6.29 -9.42 -27.51
C ALA B 66 7.43 -8.41 -27.46
N THR B 67 7.34 -7.46 -26.54
CA THR B 67 8.36 -6.42 -26.36
C THR B 67 8.95 -6.55 -24.98
N GLU B 68 10.00 -5.78 -24.72
CA GLU B 68 10.61 -5.66 -23.40
C GLU B 68 9.54 -5.35 -22.34
N LYS B 69 8.59 -4.48 -22.70
CA LYS B 69 7.43 -4.13 -21.85
C LYS B 69 6.59 -5.36 -21.52
N ASP B 70 6.19 -6.14 -22.53
CA ASP B 70 5.39 -7.33 -22.25
C ASP B 70 6.15 -8.27 -21.29
N LEU B 71 7.47 -8.46 -21.54
CA LEU B 71 8.27 -9.32 -20.66
C LEU B 71 8.28 -8.85 -19.17
N SER B 72 8.52 -7.56 -18.98
CA SER B 72 8.43 -7.00 -17.63
C SER B 72 7.04 -7.20 -17.02
N ASP B 73 5.98 -7.04 -17.80
CA ASP B 73 4.66 -7.31 -17.24
C ASP B 73 4.48 -8.76 -16.87
N LEU B 74 4.97 -9.70 -17.70
CA LEU B 74 4.79 -11.12 -17.35
C LEU B 74 5.59 -11.45 -16.09
N ILE B 75 6.75 -10.83 -15.94
CA ILE B 75 7.58 -11.06 -14.76
C ILE B 75 6.90 -10.49 -13.52
N SER B 76 6.34 -9.28 -13.63
CA SER B 76 5.62 -8.68 -12.47
C SER B 76 4.44 -9.52 -12.06
N GLU B 77 3.67 -10.02 -13.02
CA GLU B 77 2.58 -10.94 -12.67
C GLU B 77 3.10 -12.15 -11.89
N MET B 78 4.15 -12.79 -12.39
CA MET B 78 4.74 -13.93 -11.67
C MET B 78 5.10 -13.56 -10.24
N GLU B 79 5.85 -12.47 -10.10
CA GLU B 79 6.33 -12.03 -8.79
C GLU B 79 5.15 -11.70 -7.87
N MET B 80 4.06 -11.14 -8.43
CA MET B 80 2.90 -10.83 -7.60
C MET B 80 2.34 -12.16 -7.11
N MET B 81 2.23 -13.14 -7.98
CA MET B 81 1.70 -14.45 -7.56
C MET B 81 2.51 -15.12 -6.45
N LYS B 82 3.83 -15.04 -6.55
CA LYS B 82 4.70 -15.50 -5.46
C LYS B 82 4.30 -14.82 -4.12
N MET B 83 4.14 -13.50 -4.14
CA MET B 83 3.87 -12.75 -2.90
C MET B 83 2.49 -13.05 -2.29
N ILE B 84 1.52 -13.37 -3.14
CA ILE B 84 0.15 -13.55 -2.68
C ILE B 84 -0.06 -14.84 -1.93
N GLY B 85 0.73 -15.85 -2.24
CA GLY B 85 0.58 -17.17 -1.64
C GLY B 85 -0.65 -17.96 -2.06
N LYS B 86 -0.83 -19.12 -1.43
CA LYS B 86 -1.67 -20.18 -1.94
C LYS B 86 -3.02 -20.13 -1.27
N HIS B 87 -4.06 -20.37 -2.03
CA HIS B 87 -5.38 -20.62 -1.47
C HIS B 87 -6.13 -21.42 -2.49
N LYS B 88 -6.94 -22.36 -2.05
CA LYS B 88 -7.58 -23.25 -2.99
C LYS B 88 -8.63 -22.64 -3.94
N ASN B 89 -9.08 -21.40 -3.69
CA ASN B 89 -10.08 -20.71 -4.50
C ASN B 89 -9.48 -19.57 -5.28
N ILE B 90 -8.17 -19.63 -5.44
CA ILE B 90 -7.50 -18.85 -6.47
C ILE B 90 -6.67 -19.75 -7.39
N ILE B 91 -6.39 -19.24 -8.58
CA ILE B 91 -5.46 -19.86 -9.51
C ILE B 91 -4.06 -19.69 -8.89
N ASN B 92 -3.38 -20.79 -8.55
CA ASN B 92 -2.08 -20.75 -7.85
C ASN B 92 -0.88 -20.93 -8.75
N LEU B 93 0.23 -20.29 -8.38
CA LEU B 93 1.52 -20.46 -9.06
C LEU B 93 2.07 -21.84 -8.68
N LEU B 94 2.56 -22.58 -9.68
CA LEU B 94 3.17 -23.89 -9.44
C LEU B 94 4.63 -23.94 -9.78
N GLY B 95 5.07 -23.18 -10.78
CA GLY B 95 6.49 -23.11 -11.09
C GLY B 95 6.76 -22.15 -12.21
N ALA B 96 8.03 -22.08 -12.61
CA ALA B 96 8.45 -21.30 -13.76
C ALA B 96 9.67 -21.92 -14.39
N CYS B 97 9.81 -21.72 -15.71
CA CYS B 97 11.06 -21.98 -16.41
C CYS B 97 11.53 -20.60 -16.81
N THR B 98 12.64 -20.18 -16.24
CA THR B 98 13.11 -18.79 -16.38
C THR B 98 14.45 -18.72 -17.06
N GLN B 99 15.21 -19.82 -17.11
CA GLN B 99 16.60 -19.80 -17.59
C GLN B 99 16.75 -20.38 -18.99
N ASP B 100 17.70 -19.84 -19.74
CA ASP B 100 18.12 -20.46 -21.00
C ASP B 100 16.95 -20.71 -21.93
N GLY B 101 16.13 -19.67 -22.10
CA GLY B 101 14.97 -19.74 -22.96
C GLY B 101 13.80 -18.82 -22.58
N PRO B 102 12.66 -19.00 -23.26
CA PRO B 102 11.50 -18.15 -22.99
C PRO B 102 10.97 -18.35 -21.59
N LEU B 103 10.49 -17.26 -20.98
CA LEU B 103 9.85 -17.37 -19.71
C LEU B 103 8.54 -18.13 -19.84
N TYR B 104 8.39 -19.17 -19.04
CA TYR B 104 7.15 -19.92 -18.88
C TYR B 104 6.74 -19.76 -17.41
N VAL B 105 5.50 -19.27 -17.19
CA VAL B 105 4.94 -19.12 -15.87
C VAL B 105 3.87 -20.19 -15.74
N ILE B 106 4.04 -21.11 -14.79
CA ILE B 106 3.23 -22.33 -14.75
C ILE B 106 2.23 -22.21 -13.62
N VAL B 107 0.94 -22.36 -13.92
CA VAL B 107 -0.09 -22.23 -12.89
C VAL B 107 -1.09 -23.39 -12.99
N GLU B 108 -1.96 -23.47 -11.99
CA GLU B 108 -3.03 -24.49 -12.00
C GLU B 108 -3.95 -24.45 -13.24
N TYR B 109 -4.33 -25.63 -13.72
CA TYR B 109 -5.27 -25.77 -14.83
C TYR B 109 -6.72 -25.90 -14.39
N ALA B 110 -7.62 -25.16 -15.01
CA ALA B 110 -9.02 -25.30 -14.73
C ALA B 110 -9.67 -25.94 -15.93
N SER B 111 -9.90 -27.24 -15.87
CA SER B 111 -10.31 -27.98 -17.04
C SER B 111 -11.69 -27.59 -17.59
N LYS B 112 -12.58 -27.10 -16.74
CA LYS B 112 -13.93 -26.79 -17.20
C LYS B 112 -14.16 -25.32 -17.65
N GLY B 113 -13.08 -24.59 -17.89
CA GLY B 113 -13.17 -23.20 -18.36
C GLY B 113 -13.61 -22.17 -17.35
N ASN B 114 -14.10 -21.03 -17.82
CA ASN B 114 -14.53 -19.98 -16.93
C ASN B 114 -15.95 -20.18 -16.42
N LEU B 115 -16.25 -19.50 -15.33
CA LEU B 115 -17.50 -19.73 -14.65
C LEU B 115 -18.70 -19.31 -15.52
N ARG B 116 -18.53 -18.24 -16.28
CA ARG B 116 -19.60 -17.78 -17.11
C ARG B 116 -20.04 -18.84 -18.11
N GLU B 117 -19.10 -19.39 -18.89
CA GLU B 117 -19.45 -20.43 -19.87
C GLU B 117 -19.90 -21.72 -19.20
N TYR B 118 -19.34 -22.03 -18.03
CA TYR B 118 -19.77 -23.23 -17.29
C TYR B 118 -21.28 -23.11 -16.91
N LEU B 119 -21.67 -21.94 -16.44
CA LEU B 119 -23.06 -21.72 -16.05
C LEU B 119 -24.04 -21.81 -17.22
N GLN B 120 -23.67 -21.19 -18.34
CA GLN B 120 -24.49 -21.14 -19.54
C GLN B 120 -24.75 -22.52 -20.10
N ALA B 121 -23.70 -23.34 -20.11
CA ALA B 121 -23.83 -24.68 -20.64
C ALA B 121 -24.65 -25.56 -19.71
N ARG B 122 -25.03 -25.08 -18.52
CA ARG B 122 -25.78 -25.91 -17.57
C ARG B 122 -27.19 -25.38 -17.31
N ARG B 123 -27.73 -24.65 -18.28
CA ARG B 123 -29.11 -24.18 -18.22
C ARG B 123 -30.11 -25.27 -18.64
N GLN B 140 -26.68 -30.28 -15.20
CA GLN B 140 -27.54 -29.29 -14.54
C GLN B 140 -27.09 -29.02 -13.08
N LEU B 141 -27.40 -27.83 -12.57
CA LEU B 141 -26.90 -27.39 -11.25
C LEU B 141 -28.02 -27.20 -10.28
N SER B 142 -27.86 -27.72 -9.06
CA SER B 142 -28.85 -27.55 -8.01
C SER B 142 -28.70 -26.19 -7.37
N SER B 143 -29.69 -25.80 -6.57
CA SER B 143 -29.60 -24.52 -5.86
C SER B 143 -28.43 -24.57 -4.89
N LYS B 144 -28.18 -25.74 -4.31
CA LYS B 144 -27.06 -25.89 -3.41
C LYS B 144 -25.73 -25.66 -4.12
N ASP B 145 -25.61 -26.15 -5.36
CA ASP B 145 -24.37 -25.97 -6.15
C ASP B 145 -24.15 -24.48 -6.41
N LEU B 146 -25.20 -23.78 -6.77
CA LEU B 146 -25.05 -22.36 -7.09
C LEU B 146 -24.59 -21.56 -5.87
N VAL B 147 -25.14 -21.85 -4.69
CA VAL B 147 -24.77 -21.12 -3.48
C VAL B 147 -23.34 -21.49 -3.13
N SER B 148 -23.03 -22.77 -3.19
CA SER B 148 -21.68 -23.23 -2.93
C SER B 148 -20.63 -22.55 -3.85
N CYS B 149 -20.98 -22.34 -5.12
N CYS B 149 -20.98 -22.36 -5.14
CA CYS B 149 -20.14 -21.60 -6.06
CA CYS B 149 -20.19 -21.55 -6.07
C CYS B 149 -19.94 -20.14 -5.60
C CYS B 149 -19.93 -20.19 -5.49
N ALA B 150 -21.00 -19.52 -5.08
CA ALA B 150 -20.90 -18.16 -4.59
C ALA B 150 -20.00 -18.15 -3.34
N TYR B 151 -20.16 -19.15 -2.47
CA TYR B 151 -19.33 -19.29 -1.28
C TYR B 151 -17.84 -19.36 -1.64
N GLN B 152 -17.51 -20.21 -2.62
CA GLN B 152 -16.11 -20.42 -2.99
C GLN B 152 -15.47 -19.18 -3.58
N VAL B 153 -16.19 -18.53 -4.48
CA VAL B 153 -15.75 -17.27 -5.06
C VAL B 153 -15.51 -16.28 -3.94
N ALA B 154 -16.48 -16.19 -3.01
CA ALA B 154 -16.34 -15.26 -1.87
C ALA B 154 -15.10 -15.61 -1.04
N ARG B 155 -14.86 -16.91 -0.85
CA ARG B 155 -13.71 -17.41 -0.11
C ARG B 155 -12.38 -17.03 -0.73
N GLY B 156 -12.27 -17.17 -2.05
CA GLY B 156 -11.09 -16.71 -2.75
C GLY B 156 -10.90 -15.21 -2.63
N MET B 157 -11.99 -14.45 -2.71
CA MET B 157 -11.87 -13.00 -2.55
C MET B 157 -11.51 -12.54 -1.14
N GLU B 158 -12.05 -13.23 -0.15
CA GLU B 158 -11.65 -12.97 1.21
C GLU B 158 -10.17 -13.15 1.36
N TYR B 159 -9.63 -14.24 0.81
CA TYR B 159 -8.18 -14.46 0.91
C TYR B 159 -7.44 -13.33 0.19
N LEU B 160 -7.77 -13.07 -1.07
CA LEU B 160 -7.10 -11.99 -1.78
C LEU B 160 -7.15 -10.68 -1.00
N ALA B 161 -8.33 -10.31 -0.53
CA ALA B 161 -8.48 -9.03 0.18
C ALA B 161 -7.60 -9.01 1.41
N SER B 162 -7.49 -10.13 2.09
CA SER B 162 -6.68 -10.24 3.27
C SER B 162 -5.21 -10.04 2.93
N LYS B 163 -4.81 -10.35 1.70
CA LYS B 163 -3.45 -10.06 1.21
C LYS B 163 -3.31 -8.71 0.54
N LYS B 164 -4.30 -7.83 0.76
CA LYS B 164 -4.27 -6.49 0.20
C LYS B 164 -4.42 -6.46 -1.32
N CYS B 165 -4.98 -7.50 -1.92
CA CYS B 165 -5.05 -7.57 -3.36
C CYS B 165 -6.45 -7.15 -3.76
N ILE B 166 -6.54 -6.04 -4.48
CA ILE B 166 -7.73 -5.52 -5.08
C ILE B 166 -7.80 -6.05 -6.51
N HIS B 167 -8.80 -6.87 -6.83
CA HIS B 167 -8.89 -7.54 -8.14
C HIS B 167 -9.12 -6.57 -9.29
N ARG B 168 -10.12 -5.71 -9.17
CA ARG B 168 -10.40 -4.65 -10.16
C ARG B 168 -11.30 -5.06 -11.32
N ASP B 169 -11.45 -6.33 -11.58
CA ASP B 169 -12.26 -6.78 -12.69
C ASP B 169 -12.89 -8.11 -12.34
N LEU B 170 -13.47 -8.20 -11.17
CA LEU B 170 -14.13 -9.41 -10.71
C LEU B 170 -15.45 -9.62 -11.46
N ALA B 171 -15.65 -10.84 -11.96
CA ALA B 171 -16.76 -11.17 -12.82
C ALA B 171 -16.68 -12.65 -13.10
N ALA B 172 -17.78 -13.27 -13.53
CA ALA B 172 -17.77 -14.73 -13.68
C ALA B 172 -16.76 -15.18 -14.74
N ARG B 173 -16.47 -14.33 -15.70
CA ARG B 173 -15.48 -14.65 -16.71
C ARG B 173 -14.11 -14.78 -16.09
N ASN B 174 -13.85 -14.12 -14.97
CA ASN B 174 -12.59 -14.18 -14.24
C ASN B 174 -12.59 -15.08 -13.04
N VAL B 175 -13.42 -16.09 -13.09
CA VAL B 175 -13.39 -17.21 -12.19
C VAL B 175 -13.29 -18.48 -13.03
N LEU B 176 -12.44 -19.44 -12.67
CA LEU B 176 -12.29 -20.65 -13.43
C LEU B 176 -12.77 -21.85 -12.60
N VAL B 177 -13.17 -22.91 -13.30
CA VAL B 177 -13.73 -24.10 -12.68
C VAL B 177 -12.88 -25.33 -13.00
N THR B 178 -12.43 -26.02 -11.95
CA THR B 178 -11.58 -27.21 -12.07
C THR B 178 -12.40 -28.47 -12.38
N GLU B 179 -11.66 -29.54 -12.63
CA GLU B 179 -12.21 -30.87 -12.81
C GLU B 179 -13.16 -31.25 -11.67
N ASP B 180 -12.76 -30.96 -10.44
CA ASP B 180 -13.61 -31.28 -9.30
C ASP B 180 -14.59 -30.14 -8.97
N ASN B 181 -14.85 -29.26 -9.91
CA ASN B 181 -15.81 -28.15 -9.70
C ASN B 181 -15.38 -27.15 -8.62
N VAL B 182 -14.08 -26.97 -8.42
CA VAL B 182 -13.58 -25.99 -7.47
C VAL B 182 -13.50 -24.67 -8.20
N MET B 183 -13.96 -23.59 -7.56
CA MET B 183 -13.89 -22.26 -8.18
C MET B 183 -12.60 -21.58 -7.83
N LYS B 184 -11.96 -20.98 -8.83
CA LYS B 184 -10.69 -20.33 -8.63
C LYS B 184 -10.68 -18.96 -9.29
N ILE B 185 -10.40 -17.92 -8.52
CA ILE B 185 -10.36 -16.55 -9.04
C ILE B 185 -9.19 -16.44 -10.03
N ALA B 186 -9.45 -15.81 -11.17
CA ALA B 186 -8.46 -15.66 -12.24
C ALA B 186 -8.07 -14.21 -12.37
N ASP B 187 -6.83 -14.00 -12.78
CA ASP B 187 -6.40 -12.67 -13.24
C ASP B 187 -6.51 -11.58 -12.18
N PHE B 188 -6.22 -11.99 -10.96
CA PHE B 188 -6.21 -11.10 -9.81
C PHE B 188 -4.96 -10.24 -9.71
N GLY B 189 -3.92 -10.54 -10.50
CA GLY B 189 -2.77 -9.61 -10.60
C GLY B 189 -2.97 -8.09 -10.79
N LEU B 190 -3.75 -7.70 -11.79
CA LEU B 190 -3.52 -6.48 -12.58
C LEU B 190 -3.78 -5.14 -11.88
N LEU B 208 -18.22 -5.50 -21.84
CA LEU B 208 -18.24 -4.14 -21.32
C LEU B 208 -17.98 -4.25 -19.81
N PRO B 209 -16.68 -4.32 -19.41
CA PRO B 209 -16.32 -4.47 -17.98
C PRO B 209 -16.85 -3.37 -17.03
N VAL B 210 -17.20 -2.19 -17.57
CA VAL B 210 -17.86 -1.17 -16.76
C VAL B 210 -19.14 -1.64 -16.08
N LYS B 211 -19.79 -2.66 -16.63
CA LYS B 211 -21.02 -3.19 -16.03
C LYS B 211 -20.81 -3.93 -14.73
N TRP B 212 -19.56 -4.18 -14.34
CA TRP B 212 -19.25 -4.78 -13.06
C TRP B 212 -18.59 -3.78 -12.11
N MET B 213 -18.45 -2.54 -12.57
CA MET B 213 -17.72 -1.47 -11.86
C MET B 213 -18.60 -0.64 -10.92
N ALA B 214 -18.14 -0.47 -9.68
CA ALA B 214 -18.82 0.40 -8.74
C ALA B 214 -18.85 1.82 -9.28
N PRO B 215 -19.97 2.51 -9.13
CA PRO B 215 -20.00 3.85 -9.74
C PRO B 215 -18.93 4.79 -9.20
N GLU B 216 -18.66 4.73 -7.90
CA GLU B 216 -17.65 5.61 -7.28
C GLU B 216 -16.21 5.36 -7.83
N ALA B 217 -15.96 4.18 -8.38
CA ALA B 217 -14.67 3.86 -8.99
C ALA B 217 -14.60 4.47 -10.38
N LEU B 218 -15.67 4.30 -11.15
CA LEU B 218 -15.81 5.03 -12.44
C LEU B 218 -15.66 6.55 -12.21
N PHE B 219 -16.15 7.06 -11.09
CA PHE B 219 -16.00 8.49 -10.78
C PHE B 219 -14.57 8.83 -10.42
N ASP B 220 -13.99 8.11 -9.46
CA ASP B 220 -12.67 8.48 -8.87
C ASP B 220 -11.44 7.75 -9.38
N ARG B 221 -11.63 6.84 -10.34
CA ARG B 221 -10.62 5.89 -10.76
C ARG B 221 -9.61 5.55 -9.64
N ILE B 222 -10.16 5.13 -8.49
CA ILE B 222 -9.43 4.31 -7.55
C ILE B 222 -10.36 3.12 -7.34
N TYR B 223 -9.92 1.93 -7.72
CA TYR B 223 -10.63 0.73 -7.32
C TYR B 223 -10.30 0.44 -5.86
N THR B 224 -11.28 -0.09 -5.10
CA THR B 224 -11.09 -0.47 -3.71
C THR B 224 -11.58 -1.88 -3.45
N HIS B 225 -11.37 -2.36 -2.23
CA HIS B 225 -11.94 -3.64 -1.86
C HIS B 225 -13.44 -3.54 -1.86
N GLN B 226 -13.97 -2.35 -1.59
CA GLN B 226 -15.43 -2.11 -1.57
C GLN B 226 -15.99 -2.15 -3.00
N SER B 227 -15.24 -1.66 -3.97
CA SER B 227 -15.68 -1.72 -5.35
C SER B 227 -15.64 -3.13 -5.88
N ASP B 228 -14.68 -3.94 -5.42
CA ASP B 228 -14.70 -5.38 -5.68
C ASP B 228 -15.95 -6.03 -5.09
N VAL B 229 -16.43 -5.55 -3.95
CA VAL B 229 -17.65 -6.14 -3.38
C VAL B 229 -18.84 -5.82 -4.29
N TRP B 230 -18.89 -4.60 -4.83
CA TRP B 230 -19.92 -4.25 -5.82
C TRP B 230 -19.87 -5.25 -6.97
N SER B 231 -18.68 -5.45 -7.53
CA SER B 231 -18.48 -6.44 -8.62
C SER B 231 -18.96 -7.82 -8.22
N PHE B 232 -18.74 -8.22 -6.98
CA PHE B 232 -19.16 -9.54 -6.52
C PHE B 232 -20.68 -9.66 -6.54
N GLY B 233 -21.37 -8.55 -6.28
CA GLY B 233 -22.82 -8.55 -6.39
C GLY B 233 -23.30 -8.87 -7.80
N VAL B 234 -22.66 -8.25 -8.77
CA VAL B 234 -22.95 -8.53 -10.16
C VAL B 234 -22.63 -10.01 -10.47
N LEU B 235 -21.53 -10.50 -9.92
CA LEU B 235 -21.18 -11.86 -10.08
C LEU B 235 -22.25 -12.75 -9.49
N LEU B 236 -22.76 -12.43 -8.32
CA LEU B 236 -23.83 -13.24 -7.71
C LEU B 236 -25.03 -13.31 -8.63
N TRP B 237 -25.43 -12.15 -9.17
CA TRP B 237 -26.47 -12.04 -10.16
C TRP B 237 -26.21 -12.94 -11.38
N GLU B 238 -24.96 -12.91 -11.87
CA GLU B 238 -24.51 -13.82 -12.94
C GLU B 238 -24.73 -15.28 -12.59
N ILE B 239 -24.44 -15.63 -11.34
CA ILE B 239 -24.56 -17.04 -10.90
C ILE B 239 -26.00 -17.42 -10.96
N PHE B 240 -26.86 -16.60 -10.37
CA PHE B 240 -28.27 -16.98 -10.25
C PHE B 240 -29.10 -16.72 -11.52
N THR B 241 -28.55 -16.03 -12.51
CA THR B 241 -29.11 -16.04 -13.86
C THR B 241 -28.41 -17.04 -14.76
N LEU B 242 -27.52 -17.85 -14.23
CA LEU B 242 -26.86 -18.88 -15.02
C LEU B 242 -26.15 -18.27 -16.22
N GLY B 243 -25.34 -17.24 -15.93
CA GLY B 243 -24.59 -16.53 -16.95
C GLY B 243 -25.28 -15.41 -17.70
N GLY B 244 -26.30 -14.79 -17.11
CA GLY B 244 -26.98 -13.65 -17.79
C GLY B 244 -26.01 -12.49 -18.03
N SER B 245 -26.27 -11.71 -19.07
CA SER B 245 -25.59 -10.43 -19.34
C SER B 245 -26.26 -9.31 -18.52
N PRO B 246 -25.47 -8.57 -17.75
CA PRO B 246 -26.02 -7.50 -16.94
C PRO B 246 -26.39 -6.28 -17.78
N TYR B 247 -27.54 -5.71 -17.50
CA TYR B 247 -27.96 -4.48 -18.14
C TYR B 247 -27.96 -4.61 -19.68
N PRO B 248 -28.51 -5.71 -20.21
CA PRO B 248 -28.45 -5.87 -21.66
C PRO B 248 -29.09 -4.70 -22.41
N GLY B 249 -28.34 -4.15 -23.36
CA GLY B 249 -28.80 -3.08 -24.24
C GLY B 249 -28.67 -1.68 -23.69
N VAL B 250 -28.14 -1.52 -22.48
CA VAL B 250 -27.98 -0.22 -21.87
C VAL B 250 -26.58 0.36 -22.16
N PRO B 251 -26.47 1.51 -22.86
CA PRO B 251 -25.12 2.06 -23.08
C PRO B 251 -24.54 2.63 -21.79
N VAL B 252 -23.21 2.74 -21.77
CA VAL B 252 -22.46 3.21 -20.59
C VAL B 252 -23.00 4.48 -19.90
N GLU B 253 -23.18 5.55 -20.68
CA GLU B 253 -23.66 6.80 -20.10
C GLU B 253 -24.97 6.57 -19.40
N GLU B 254 -25.85 5.80 -20.04
CA GLU B 254 -27.20 5.64 -19.53
C GLU B 254 -27.18 4.78 -18.28
N LEU B 255 -26.29 3.79 -18.25
CA LEU B 255 -26.08 2.93 -17.08
C LEU B 255 -25.76 3.75 -15.84
N PHE B 256 -24.79 4.66 -15.98
CA PHE B 256 -24.30 5.35 -14.81
C PHE B 256 -25.28 6.35 -14.29
N LYS B 257 -26.06 6.93 -15.20
CA LYS B 257 -27.19 7.75 -14.83
C LYS B 257 -28.21 6.96 -13.99
N LEU B 258 -28.60 5.80 -14.50
CA LEU B 258 -29.57 4.95 -13.78
C LEU B 258 -29.03 4.53 -12.41
N LEU B 259 -27.78 4.10 -12.36
CA LEU B 259 -27.20 3.69 -11.06
C LEU B 259 -27.24 4.86 -10.06
N LYS B 260 -26.89 6.07 -10.54
CA LYS B 260 -26.90 7.27 -9.70
C LYS B 260 -28.28 7.48 -9.15
N GLU B 261 -29.28 7.18 -9.95
CA GLU B 261 -30.64 7.35 -9.52
C GLU B 261 -31.16 6.19 -8.69
N GLY B 262 -30.33 5.21 -8.35
CA GLY B 262 -30.76 4.11 -7.48
C GLY B 262 -31.33 2.84 -8.14
N HIS B 263 -31.37 2.80 -9.47
CA HIS B 263 -31.77 1.60 -10.19
C HIS B 263 -30.71 0.48 -9.94
N ARG B 264 -31.20 -0.74 -9.82
CA ARG B 264 -30.43 -1.94 -9.59
C ARG B 264 -31.12 -3.03 -10.41
N MET B 265 -30.38 -4.05 -10.84
CA MET B 265 -30.98 -5.18 -11.58
C MET B 265 -32.04 -5.84 -10.66
N ASP B 266 -33.00 -6.50 -11.29
CA ASP B 266 -34.10 -7.14 -10.59
C ASP B 266 -33.70 -8.54 -10.14
N LYS B 267 -34.42 -9.06 -9.15
CA LYS B 267 -34.17 -10.42 -8.68
C LYS B 267 -34.30 -11.42 -9.84
N PRO B 268 -33.28 -12.26 -10.04
CA PRO B 268 -33.42 -13.36 -10.98
C PRO B 268 -34.58 -14.28 -10.60
N SER B 269 -35.13 -14.91 -11.61
CA SER B 269 -36.26 -15.82 -11.46
C SER B 269 -36.05 -16.92 -10.41
N ASN B 270 -35.06 -17.77 -10.57
CA ASN B 270 -34.85 -18.79 -9.55
C ASN B 270 -33.85 -18.17 -8.58
N CYS B 271 -34.34 -17.39 -7.61
CA CYS B 271 -33.46 -16.78 -6.61
C CYS B 271 -34.23 -16.40 -5.38
N THR B 272 -33.68 -16.77 -4.22
CA THR B 272 -34.32 -16.52 -2.96
C THR B 272 -34.18 -15.04 -2.61
N ASN B 273 -35.11 -14.56 -1.79
CA ASN B 273 -35.03 -13.16 -1.39
C ASN B 273 -33.77 -12.90 -0.59
N GLU B 274 -33.40 -13.85 0.26
CA GLU B 274 -32.15 -13.74 1.03
C GLU B 274 -30.94 -13.48 0.12
N LEU B 275 -30.82 -14.21 -0.96
CA LEU B 275 -29.64 -14.03 -1.85
C LEU B 275 -29.73 -12.72 -2.66
N TYR B 276 -30.93 -12.36 -3.07
CA TYR B 276 -31.14 -11.06 -3.72
C TYR B 276 -30.81 -9.92 -2.76
N MET B 277 -31.15 -10.06 -1.49
CA MET B 277 -30.83 -9.01 -0.52
C MET B 277 -29.30 -8.82 -0.39
N MET B 278 -28.57 -9.93 -0.48
CA MET B 278 -27.11 -9.90 -0.48
C MET B 278 -26.59 -9.16 -1.71
N MET B 279 -27.16 -9.45 -2.87
CA MET B 279 -26.78 -8.69 -4.06
C MET B 279 -27.00 -7.20 -3.80
N ARG B 280 -28.16 -6.87 -3.26
CA ARG B 280 -28.47 -5.48 -3.05
C ARG B 280 -27.54 -4.86 -2.00
N ASP B 281 -27.18 -5.59 -0.94
CA ASP B 281 -26.17 -5.08 0.06
C ASP B 281 -24.83 -4.75 -0.65
N CYS B 282 -24.38 -5.65 -1.53
CA CYS B 282 -23.17 -5.41 -2.31
C CYS B 282 -23.25 -4.16 -3.20
N TRP B 283 -24.46 -3.76 -3.59
CA TRP B 283 -24.68 -2.58 -4.44
C TRP B 283 -25.11 -1.33 -3.69
N HIS B 284 -24.79 -1.25 -2.41
CA HIS B 284 -25.10 -0.03 -1.66
C HIS B 284 -24.34 1.06 -2.36
N ALA B 285 -24.99 2.21 -2.50
CA ALA B 285 -24.35 3.39 -3.10
C ALA B 285 -23.21 3.90 -2.26
N VAL B 286 -23.31 3.72 -0.94
CA VAL B 286 -22.26 4.16 -0.02
C VAL B 286 -21.29 3.01 0.25
N PRO B 287 -20.08 3.08 -0.31
CA PRO B 287 -19.11 1.95 -0.23
C PRO B 287 -18.91 1.34 1.16
N SER B 288 -18.82 2.21 2.18
CA SER B 288 -18.55 1.73 3.53
C SER B 288 -19.71 0.94 4.11
N GLN B 289 -20.87 1.01 3.47
CA GLN B 289 -22.06 0.28 3.95
C GLN B 289 -22.17 -1.07 3.34
N ARG B 290 -21.34 -1.40 2.33
CA ARG B 290 -21.40 -2.69 1.70
C ARG B 290 -20.74 -3.70 2.68
N PRO B 291 -21.12 -4.98 2.59
CA PRO B 291 -20.47 -5.98 3.40
C PRO B 291 -19.05 -6.22 3.00
N THR B 292 -18.27 -6.77 3.92
CA THR B 292 -16.93 -7.13 3.59
C THR B 292 -16.98 -8.58 3.06
N PHE B 293 -15.90 -9.01 2.40
CA PHE B 293 -15.86 -10.38 1.91
C PHE B 293 -15.87 -11.36 3.08
N LYS B 294 -15.28 -10.95 4.19
CA LYS B 294 -15.34 -11.73 5.42
C LYS B 294 -16.78 -11.98 5.89
N GLN B 295 -17.63 -10.94 5.86
CA GLN B 295 -19.05 -11.08 6.22
CA GLN B 295 -19.05 -11.07 6.22
C GLN B 295 -19.81 -11.86 5.15
N LEU B 296 -19.47 -11.64 3.89
CA LEU B 296 -20.13 -12.38 2.80
C LEU B 296 -19.90 -13.86 2.98
N VAL B 297 -18.67 -14.23 3.29
CA VAL B 297 -18.30 -15.63 3.52
C VAL B 297 -19.04 -16.26 4.68
N GLU B 298 -19.09 -15.62 5.84
CA GLU B 298 -19.90 -16.18 6.95
C GLU B 298 -21.33 -16.40 6.50
N ASP B 299 -21.91 -15.39 5.86
CA ASP B 299 -23.32 -15.48 5.46
C ASP B 299 -23.54 -16.59 4.47
N LEU B 300 -22.69 -16.70 3.44
CA LEU B 300 -22.86 -17.76 2.42
C LEU B 300 -22.66 -19.13 3.03
N ASP B 301 -21.72 -19.24 3.97
CA ASP B 301 -21.46 -20.48 4.65
C ASP B 301 -22.75 -20.98 5.28
N ARG B 302 -23.43 -20.09 6.01
CA ARG B 302 -24.68 -20.46 6.64
C ARG B 302 -25.74 -20.84 5.59
N ILE B 303 -25.81 -20.12 4.47
CA ILE B 303 -26.83 -20.39 3.45
C ILE B 303 -26.58 -21.72 2.77
N VAL B 304 -25.33 -22.00 2.43
CA VAL B 304 -24.99 -23.30 1.85
C VAL B 304 -25.60 -24.41 2.70
N ALA B 305 -25.25 -24.43 3.98
CA ALA B 305 -25.69 -25.46 4.92
C ALA B 305 -27.21 -25.59 4.92
N LEU B 306 -27.90 -24.47 4.98
CA LEU B 306 -29.35 -24.49 5.07
C LEU B 306 -30.05 -24.77 3.72
N THR B 307 -29.30 -24.78 2.61
CA THR B 307 -29.93 -24.94 1.29
C THR B 307 -30.12 -26.43 0.87
N SER B 308 -31.24 -26.78 0.30
CA SER B 308 -31.43 -28.16 -0.07
C SER B 308 -31.66 -28.24 -1.55
CBB YY4 C . 24.07 14.18 9.14
OAZ YY4 C . 23.42 13.72 7.94
CAA YY4 C . 22.05 13.62 8.01
CAB YY4 C . 21.49 13.29 6.81
CLX YY4 C . 22.52 13.00 5.47
CAF YY4 C . 21.24 13.84 9.16
CAE YY4 C . 19.84 13.74 9.06
OBA YY4 C . 18.90 13.89 10.06
CBC YY4 C . 19.47 14.09 11.37
CAD YY4 C . 19.30 13.42 7.84
CLY YY4 C . 17.61 13.28 7.66
CAC YY4 C . 20.11 13.21 6.72
NAG YY4 C . 19.35 12.82 5.56
CAL YY4 C . 19.17 13.70 4.46
OBQ YY4 C . 19.43 14.89 4.63
CAH YY4 C . 19.36 11.38 5.36
C5 YY4 C . 18.72 11.01 4.16
C6 YY4 C . 18.39 9.68 4.06
N1 YY4 C . 17.76 9.24 2.93
C2 YY4 C . 17.42 10.12 1.98
NAQ YY4 C . 16.73 9.57 0.82
CAR YY4 C . 16.28 10.22 -0.36
CAS YY4 C . 16.30 11.59 -0.51
CAT YY4 C . 15.84 12.15 -1.71
CAU YY4 C . 15.30 11.35 -2.72
CAV YY4 C . 15.27 9.97 -2.55
CAW YY4 C . 15.77 9.41 -1.38
N3 YY4 C . 17.73 11.42 2.09
C4 YY4 C . 18.34 11.92 3.19
NAK YY4 C . 18.68 13.25 3.27
CBD YY4 C . 17.90 14.28 2.53
CBH YY4 C . 16.38 14.02 2.39
CBE YY4 C . 18.46 14.28 1.13
CBF YY4 C . 17.39 14.99 0.35
NBG YY4 C . 16.14 14.73 1.11
CBI YY4 C . 14.93 15.04 0.65
OBK YY4 C . 13.91 14.80 1.29
CBJ YY4 C . 14.91 15.76 -0.73
CBL YY4 C . 13.60 16.19 -1.39
CBM YY4 C . 13.56 16.86 -2.75
NBN YY4 C . 13.04 15.80 -3.66
CBP YY4 C . 14.00 14.67 -3.88
CBO YY4 C . 12.57 16.36 -4.95
CBB YY4 D . 0.55 -16.30 -14.99
OAZ YY4 D . -0.39 -17.11 -15.67
CAA YY4 D . -1.71 -17.06 -15.34
CAB YY4 D . -2.53 -17.89 -16.08
CLX YY4 D . -1.90 -18.94 -17.33
CAF YY4 D . -2.23 -16.21 -14.33
CAE YY4 D . -3.58 -16.23 -14.04
OBA YY4 D . -4.16 -15.50 -13.07
CBC YY4 D . -3.35 -14.58 -12.30
CAD YY4 D . -4.41 -17.05 -14.77
CLY YY4 D . -6.08 -17.14 -14.56
CAC YY4 D . -3.89 -17.87 -15.78
NAG YY4 D . -4.92 -18.68 -16.38
CAL YY4 D . -5.38 -18.34 -17.66
OBQ YY4 D . -5.06 -17.22 -18.08
CAH YY4 D . -4.88 -20.07 -15.95
C5 YY4 D . -5.82 -20.83 -16.60
C6 YY4 D . -6.10 -22.05 -16.05
N1 YY4 D . -7.03 -22.85 -16.67
C2 YY4 D . -7.62 -22.46 -17.79
NAQ YY4 D . -8.56 -23.39 -18.36
CAR YY4 D . -9.32 -23.28 -19.61
CAS YY4 D . -10.12 -24.36 -19.98
CAT YY4 D . -10.88 -24.34 -21.14
CAU YY4 D . -10.85 -23.21 -21.94
CAV YY4 D . -10.08 -22.12 -21.56
CAW YY4 D . -9.30 -22.15 -20.41
N3 YY4 D . -7.33 -21.25 -18.32
C4 YY4 D . -6.48 -20.40 -17.74
NAK YY4 D . -6.16 -19.23 -18.34
CBD YY4 D . -7.12 -18.56 -19.25
CBH YY4 D . -8.59 -18.81 -18.98
CBE YY4 D . -6.81 -19.14 -20.64
CBF YY4 D . -8.09 -18.82 -21.39
NBG YY4 D . -9.16 -18.65 -20.33
CBI YY4 D . -10.48 -18.46 -20.55
OBK YY4 D . -11.33 -18.37 -19.65
CBJ YY4 D . -10.85 -18.33 -22.03
CBL YY4 D . -12.29 -18.11 -22.47
CBM YY4 D . -12.60 -18.05 -23.93
NBN YY4 D . -13.63 -19.12 -24.14
CBP YY4 D . -13.23 -20.48 -23.70
CBO YY4 D . -14.11 -19.11 -25.56
#